data_3M21
#
_entry.id   3M21
#
_cell.length_a   53.040
_cell.length_b   53.040
_cell.length_c   130.877
_cell.angle_alpha   90.000
_cell.angle_beta   90.000
_cell.angle_gamma   90.000
#
_symmetry.space_group_name_H-M   'P 41'
#
loop_
_entity.id
_entity.type
_entity.pdbx_description
1 polymer 'Probable tautomerase HP_0924'
2 water water
#
_entity_poly.entity_id   1
_entity_poly.type   'polypeptide(L)'
_entity_poly.pdbx_seq_one_letter_code
;PFINIKLVPENGGPTNEQKQQLIEGVSDLMVKVLNKNKASIVVIIDEVDSNNYGLGGESVHHLRQKN
;
_entity_poly.pdbx_strand_id   A,B,C,D,E,F
#
# COMPACT_ATOMS: atom_id res chain seq x y z
N PRO A 1 -7.57 1.67 -13.35
CA PRO A 1 -6.87 2.13 -12.13
C PRO A 1 -7.13 1.22 -10.91
N PHE A 2 -6.43 1.52 -9.81
CA PHE A 2 -6.54 0.74 -8.58
C PHE A 2 -6.89 1.68 -7.43
N ILE A 3 -7.85 1.26 -6.61
CA ILE A 3 -8.27 2.07 -5.48
C ILE A 3 -8.32 1.18 -4.25
N ASN A 4 -7.65 1.61 -3.19
CA ASN A 4 -7.59 0.84 -1.94
C ASN A 4 -8.22 1.73 -0.88
N ILE A 5 -9.27 1.23 -0.24
CA ILE A 5 -9.97 1.96 0.81
C ILE A 5 -9.73 1.17 2.10
N LYS A 6 -9.23 1.86 3.12
CA LYS A 6 -8.99 1.21 4.41
C LYS A 6 -9.86 1.93 5.42
N LEU A 7 -10.66 1.19 6.17
CA LEU A 7 -11.55 1.81 7.15
C LEU A 7 -11.76 0.91 8.37
N VAL A 8 -12.25 1.52 9.45
CA VAL A 8 -12.50 0.80 10.70
C VAL A 8 -14.00 0.48 10.82
N PRO A 9 -14.35 -0.81 10.94
CA PRO A 9 -15.76 -1.21 11.05
C PRO A 9 -16.40 -0.51 12.26
N GLU A 10 -17.72 -0.40 12.23
CA GLU A 10 -18.46 0.21 13.32
C GLU A 10 -19.96 0.09 13.10
N ASN A 11 -20.68 -0.15 14.19
CA ASN A 11 -22.12 -0.30 14.14
C ASN A 11 -22.56 -1.43 13.22
N GLY A 12 -21.88 -2.56 13.34
CA GLY A 12 -22.19 -3.72 12.52
C GLY A 12 -21.85 -3.54 11.05
N GLY A 13 -21.39 -2.35 10.67
CA GLY A 13 -21.06 -2.11 9.27
C GLY A 13 -19.57 -1.97 9.00
N PRO A 14 -19.17 -1.71 7.73
CA PRO A 14 -20.04 -1.56 6.56
C PRO A 14 -20.62 -2.89 6.10
N THR A 15 -21.91 -2.88 5.75
CA THR A 15 -22.59 -4.07 5.28
C THR A 15 -22.10 -4.36 3.88
N ASN A 16 -22.44 -5.53 3.37
CA ASN A 16 -22.05 -5.90 2.01
C ASN A 16 -22.67 -4.96 1.00
N GLU A 17 -23.83 -4.40 1.34
CA GLU A 17 -24.49 -3.48 0.42
C GLU A 17 -23.73 -2.16 0.39
N GLN A 18 -23.30 -1.69 1.55
CA GLN A 18 -22.56 -0.44 1.64
C GLN A 18 -21.23 -0.62 0.90
N LYS A 19 -20.64 -1.80 1.02
CA LYS A 19 -19.39 -2.09 0.34
C LYS A 19 -19.62 -2.00 -1.16
N GLN A 20 -20.75 -2.53 -1.62
CA GLN A 20 -21.07 -2.50 -3.05
C GLN A 20 -21.20 -1.05 -3.52
N GLN A 21 -21.83 -0.23 -2.68
CA GLN A 21 -22.01 1.18 -3.01
C GLN A 21 -20.66 1.90 -3.08
N LEU A 22 -19.71 1.50 -2.24
CA LEU A 22 -18.39 2.12 -2.29
C LEU A 22 -17.67 1.76 -3.59
N ILE A 23 -17.69 0.48 -3.95
CA ILE A 23 -17.03 0.03 -5.18
C ILE A 23 -17.63 0.74 -6.39
N GLU A 24 -18.95 0.81 -6.44
CA GLU A 24 -19.66 1.48 -7.54
C GLU A 24 -19.36 2.96 -7.57
N GLY A 25 -19.45 3.60 -6.41
CA GLY A 25 -19.21 5.02 -6.30
C GLY A 25 -17.81 5.45 -6.71
N VAL A 26 -16.80 4.70 -6.28
CA VAL A 26 -15.41 5.02 -6.63
C VAL A 26 -15.18 4.77 -8.11
N SER A 27 -15.75 3.68 -8.62
CA SER A 27 -15.58 3.34 -10.02
C SER A 27 -16.26 4.37 -10.92
N ASP A 28 -17.47 4.77 -10.56
CA ASP A 28 -18.17 5.77 -11.36
C ASP A 28 -17.43 7.09 -11.28
N LEU A 29 -16.91 7.41 -10.10
CA LEU A 29 -16.18 8.65 -9.90
C LEU A 29 -14.98 8.72 -10.86
N MET A 30 -14.25 7.62 -10.98
CA MET A 30 -13.10 7.58 -11.87
C MET A 30 -13.53 7.77 -13.32
N VAL A 31 -14.60 7.10 -13.72
CA VAL A 31 -15.12 7.19 -15.08
C VAL A 31 -15.62 8.60 -15.37
N LYS A 32 -16.20 9.25 -14.37
CA LYS A 32 -16.75 10.59 -14.51
C LYS A 32 -15.72 11.71 -14.49
N VAL A 33 -14.72 11.58 -13.64
CA VAL A 33 -13.69 12.60 -13.51
C VAL A 33 -12.57 12.49 -14.54
N LEU A 34 -12.16 11.27 -14.86
CA LEU A 34 -11.08 11.07 -15.82
C LEU A 34 -11.44 10.19 -17.01
N ASN A 35 -12.72 9.92 -17.20
CA ASN A 35 -13.18 9.08 -18.31
C ASN A 35 -12.47 7.73 -18.32
N LYS A 36 -12.15 7.23 -17.12
CA LYS A 36 -11.47 5.95 -16.98
C LYS A 36 -12.35 4.83 -17.53
N ASN A 37 -11.74 3.66 -17.73
CA ASN A 37 -12.48 2.50 -18.23
C ASN A 37 -12.91 1.65 -17.03
N LYS A 38 -14.14 1.87 -16.57
CA LYS A 38 -14.69 1.15 -15.43
C LYS A 38 -14.33 -0.33 -15.43
N ALA A 39 -14.31 -0.94 -16.61
CA ALA A 39 -14.01 -2.36 -16.75
C ALA A 39 -12.68 -2.75 -16.11
N SER A 40 -11.73 -1.82 -16.11
CA SER A 40 -10.40 -2.07 -15.56
C SER A 40 -10.21 -1.56 -14.13
N ILE A 41 -11.19 -0.82 -13.62
CA ILE A 41 -11.10 -0.29 -12.27
C ILE A 41 -11.19 -1.38 -11.20
N VAL A 42 -10.12 -1.51 -10.40
CA VAL A 42 -10.09 -2.51 -9.32
C VAL A 42 -10.17 -1.78 -7.99
N VAL A 43 -11.01 -2.29 -7.10
CA VAL A 43 -11.16 -1.67 -5.80
C VAL A 43 -11.04 -2.73 -4.73
N ILE A 44 -10.34 -2.39 -3.65
CA ILE A 44 -10.18 -3.29 -2.52
C ILE A 44 -10.42 -2.52 -1.25
N ILE A 45 -11.30 -3.04 -0.42
CA ILE A 45 -11.66 -2.42 0.84
C ILE A 45 -11.06 -3.26 1.96
N ASP A 46 -10.24 -2.64 2.79
CA ASP A 46 -9.63 -3.31 3.91
C ASP A 46 -10.32 -2.78 5.15
N GLU A 47 -10.66 -3.68 6.05
CA GLU A 47 -11.30 -3.29 7.30
C GLU A 47 -10.25 -3.47 8.40
N VAL A 48 -9.94 -2.39 9.10
CA VAL A 48 -8.93 -2.38 10.15
C VAL A 48 -9.53 -2.32 11.55
N ASP A 49 -9.01 -3.13 12.45
CA ASP A 49 -9.51 -3.13 13.83
C ASP A 49 -9.34 -1.74 14.42
N SER A 50 -10.26 -1.33 15.28
CA SER A 50 -10.18 -0.01 15.90
C SER A 50 -8.94 0.17 16.76
N ASN A 51 -8.33 -0.92 17.20
CA ASN A 51 -7.10 -0.85 18.00
C ASN A 51 -5.86 -0.78 17.11
N ASN A 52 -6.06 -0.99 15.81
CA ASN A 52 -4.97 -0.99 14.84
C ASN A 52 -4.90 0.26 13.98
N TYR A 53 -5.89 1.14 14.14
CA TYR A 53 -5.95 2.37 13.37
C TYR A 53 -5.70 3.54 14.29
N GLY A 54 -4.73 4.37 13.93
CA GLY A 54 -4.42 5.53 14.75
C GLY A 54 -4.58 6.83 13.98
N LEU A 55 -5.02 7.86 14.69
CA LEU A 55 -5.18 9.18 14.10
C LEU A 55 -4.74 10.18 15.15
N GLY A 56 -3.82 11.05 14.77
CA GLY A 56 -3.32 12.05 15.70
C GLY A 56 -2.54 11.45 16.85
N GLY A 57 -2.23 10.17 16.78
CA GLY A 57 -1.48 9.53 17.85
C GLY A 57 -2.32 8.64 18.74
N GLU A 58 -3.64 8.67 18.59
CA GLU A 58 -4.50 7.84 19.41
C GLU A 58 -5.20 6.80 18.55
N SER A 59 -5.61 5.69 19.17
CA SER A 59 -6.29 4.64 18.43
C SER A 59 -7.74 5.04 18.23
N VAL A 60 -8.34 4.57 17.15
CA VAL A 60 -9.73 4.88 16.87
C VAL A 60 -10.59 4.33 17.99
N HIS A 61 -10.07 3.31 18.68
CA HIS A 61 -10.79 2.69 19.80
C HIS A 61 -10.94 3.71 20.93
N HIS A 62 -9.83 4.34 21.32
CA HIS A 62 -9.86 5.32 22.39
C HIS A 62 -10.59 6.58 21.96
N LEU A 63 -10.56 6.87 20.66
CA LEU A 63 -11.21 8.05 20.13
C LEU A 63 -12.74 7.93 20.15
N ARG A 64 -13.24 6.72 19.95
CA ARG A 64 -14.68 6.48 19.94
C ARG A 64 -15.28 6.27 21.33
N GLN A 65 -14.41 6.15 22.34
CA GLN A 65 -14.88 5.93 23.70
C GLN A 65 -14.22 6.90 24.67
N PRO B 1 -10.58 7.37 7.74
CA PRO B 1 -10.35 6.37 6.66
C PRO B 1 -9.19 6.81 5.77
N PHE B 2 -8.65 5.86 5.02
CA PHE B 2 -7.54 6.10 4.12
C PHE B 2 -7.88 5.55 2.72
N ILE B 3 -7.73 6.37 1.69
CA ILE B 3 -8.02 5.93 0.33
C ILE B 3 -6.82 6.19 -0.58
N ASN B 4 -6.35 5.14 -1.24
CA ASN B 4 -5.21 5.21 -2.12
C ASN B 4 -5.69 5.00 -3.56
N ILE B 5 -5.44 5.98 -4.42
CA ILE B 5 -5.85 5.88 -5.82
C ILE B 5 -4.59 5.84 -6.68
N LYS B 6 -4.40 4.77 -7.42
CA LYS B 6 -3.25 4.65 -8.30
C LYS B 6 -3.74 4.61 -9.73
N LEU B 7 -3.24 5.52 -10.56
CA LEU B 7 -3.65 5.60 -11.95
C LEU B 7 -2.49 5.98 -12.87
N VAL B 8 -2.70 5.88 -14.17
CA VAL B 8 -1.67 6.23 -15.15
C VAL B 8 -2.02 7.55 -15.83
N PRO B 9 -1.07 8.50 -15.85
CA PRO B 9 -1.29 9.81 -16.49
C PRO B 9 -1.80 9.62 -17.91
N GLU B 10 -2.78 10.42 -18.31
CA GLU B 10 -3.35 10.29 -19.64
C GLU B 10 -3.76 11.64 -20.22
N ASN B 11 -3.25 11.96 -21.40
CA ASN B 11 -3.55 13.22 -22.07
C ASN B 11 -3.33 14.42 -21.15
N GLY B 12 -2.12 14.54 -20.62
CA GLY B 12 -1.80 15.64 -19.73
C GLY B 12 -2.63 15.63 -18.46
N GLY B 13 -3.39 14.56 -18.25
CA GLY B 13 -4.21 14.45 -17.06
C GLY B 13 -3.67 13.38 -16.12
N PRO B 14 -4.08 13.40 -14.84
CA PRO B 14 -5.02 14.36 -14.25
C PRO B 14 -4.35 15.67 -13.85
N THR B 15 -5.08 16.77 -13.95
CA THR B 15 -4.56 18.07 -13.58
C THR B 15 -4.73 18.22 -12.08
N ASN B 16 -4.15 19.27 -11.51
CA ASN B 16 -4.28 19.49 -10.07
C ASN B 16 -5.74 19.65 -9.70
N GLU B 17 -6.52 20.28 -10.58
CA GLU B 17 -7.94 20.47 -10.33
C GLU B 17 -8.64 19.12 -10.33
N GLN B 18 -8.25 18.24 -11.24
CA GLN B 18 -8.88 16.93 -11.29
C GLN B 18 -8.54 16.10 -10.07
N LYS B 19 -7.31 16.21 -9.59
CA LYS B 19 -6.91 15.47 -8.40
C LYS B 19 -7.77 15.95 -7.23
N GLN B 20 -8.04 17.25 -7.19
CA GLN B 20 -8.88 17.85 -6.14
C GLN B 20 -10.30 17.30 -6.24
N GLN B 21 -10.77 17.11 -7.47
CA GLN B 21 -12.11 16.57 -7.70
C GLN B 21 -12.19 15.14 -7.16
N LEU B 22 -11.09 14.42 -7.28
CA LEU B 22 -11.00 13.04 -6.80
C LEU B 22 -10.93 13.02 -5.29
N ILE B 23 -10.14 13.91 -4.73
CA ILE B 23 -9.96 14.02 -3.29
C ILE B 23 -11.29 14.35 -2.64
N GLU B 24 -11.95 15.41 -3.11
CA GLU B 24 -13.25 15.81 -2.55
C GLU B 24 -14.30 14.76 -2.85
N GLY B 25 -14.28 14.24 -4.08
CA GLY B 25 -15.25 13.24 -4.47
C GLY B 25 -15.20 11.99 -3.63
N VAL B 26 -14.02 11.40 -3.50
CA VAL B 26 -13.86 10.18 -2.70
C VAL B 26 -14.25 10.41 -1.25
N SER B 27 -13.87 11.58 -0.74
CA SER B 27 -14.17 11.92 0.64
C SER B 27 -15.68 12.05 0.87
N ASP B 28 -16.37 12.65 -0.08
CA ASP B 28 -17.83 12.81 0.03
C ASP B 28 -18.53 11.46 -0.06
N LEU B 29 -17.95 10.52 -0.80
CA LEU B 29 -18.55 9.20 -0.94
C LEU B 29 -18.59 8.50 0.42
N MET B 30 -17.46 8.55 1.12
CA MET B 30 -17.34 7.93 2.44
C MET B 30 -18.38 8.51 3.40
N VAL B 31 -18.58 9.82 3.33
CA VAL B 31 -19.56 10.47 4.20
C VAL B 31 -20.99 10.05 3.83
N LYS B 32 -21.28 9.99 2.53
CA LYS B 32 -22.61 9.62 2.07
C LYS B 32 -22.97 8.16 2.28
N VAL B 33 -22.03 7.27 2.03
CA VAL B 33 -22.29 5.84 2.18
C VAL B 33 -22.14 5.32 3.60
N LEU B 34 -21.11 5.79 4.30
CA LEU B 34 -20.86 5.32 5.67
C LEU B 34 -20.97 6.40 6.74
N ASN B 35 -21.31 7.61 6.32
CA ASN B 35 -21.44 8.71 7.28
C ASN B 35 -20.14 8.87 8.07
N LYS B 36 -19.02 8.62 7.39
CA LYS B 36 -17.70 8.74 8.00
C LYS B 36 -17.43 10.21 8.30
N ASN B 37 -16.34 10.47 9.03
CA ASN B 37 -15.97 11.84 9.36
C ASN B 37 -14.98 12.36 8.33
N LYS B 38 -15.49 13.13 7.37
CA LYS B 38 -14.68 13.70 6.30
C LYS B 38 -13.40 14.36 6.79
N ALA B 39 -13.46 15.00 7.94
CA ALA B 39 -12.29 15.68 8.50
C ALA B 39 -11.09 14.75 8.63
N SER B 40 -11.34 13.47 8.93
CA SER B 40 -10.25 12.52 9.10
C SER B 40 -9.96 11.67 7.86
N ILE B 41 -10.59 11.99 6.73
CA ILE B 41 -10.37 11.21 5.52
C ILE B 41 -9.05 11.58 4.83
N VAL B 42 -8.14 10.62 4.68
CA VAL B 42 -6.88 10.86 3.98
C VAL B 42 -6.94 10.22 2.60
N VAL B 43 -6.46 10.95 1.60
CA VAL B 43 -6.45 10.46 0.24
C VAL B 43 -5.07 10.67 -0.38
N ILE B 44 -4.58 9.66 -1.08
CA ILE B 44 -3.30 9.75 -1.76
C ILE B 44 -3.44 9.21 -3.18
N ILE B 45 -3.11 10.05 -4.14
CA ILE B 45 -3.19 9.68 -5.55
C ILE B 45 -1.76 9.41 -6.03
N ASP B 46 -1.51 8.21 -6.51
CA ASP B 46 -0.20 7.85 -7.03
C ASP B 46 -0.31 7.80 -8.54
N GLU B 47 0.57 8.51 -9.22
CA GLU B 47 0.56 8.51 -10.68
C GLU B 47 1.63 7.52 -11.13
N VAL B 48 1.21 6.45 -11.80
CA VAL B 48 2.11 5.42 -12.27
C VAL B 48 2.45 5.54 -13.76
N ASP B 49 3.74 5.50 -14.07
CA ASP B 49 4.16 5.59 -15.47
C ASP B 49 3.53 4.46 -16.27
N SER B 50 3.09 4.74 -17.49
CA SER B 50 2.44 3.74 -18.33
C SER B 50 3.22 2.43 -18.44
N ASN B 51 4.52 2.50 -18.17
CA ASN B 51 5.41 1.35 -18.25
C ASN B 51 5.51 0.57 -16.95
N ASN B 52 4.93 1.12 -15.89
CA ASN B 52 4.98 0.51 -14.56
C ASN B 52 3.62 -0.01 -14.12
N TYR B 53 2.66 -0.02 -15.04
CA TYR B 53 1.31 -0.47 -14.73
C TYR B 53 0.95 -1.64 -15.67
N GLY B 54 0.59 -2.76 -15.08
CA GLY B 54 0.25 -3.93 -15.87
C GLY B 54 -1.18 -4.40 -15.64
N LEU B 55 -1.82 -4.82 -16.72
CA LEU B 55 -3.19 -5.33 -16.68
C LEU B 55 -3.28 -6.48 -17.67
N GLY B 56 -3.65 -7.66 -17.16
CA GLY B 56 -3.76 -8.82 -18.03
C GLY B 56 -2.43 -9.40 -18.45
N GLY B 57 -1.35 -8.96 -17.81
CA GLY B 57 -0.03 -9.47 -18.14
C GLY B 57 0.74 -8.59 -19.10
N GLU B 58 0.19 -7.42 -19.40
CA GLU B 58 0.83 -6.47 -20.31
C GLU B 58 0.82 -5.06 -19.71
N SER B 59 1.78 -4.24 -20.10
CA SER B 59 1.88 -2.87 -19.61
C SER B 59 0.82 -1.99 -20.27
N VAL B 60 0.49 -0.90 -19.60
CA VAL B 60 -0.49 0.05 -20.11
C VAL B 60 0.08 0.75 -21.34
N HIS B 61 1.41 0.85 -21.38
CA HIS B 61 2.08 1.48 -22.51
C HIS B 61 1.90 0.57 -23.73
N HIS B 62 2.25 -0.70 -23.55
CA HIS B 62 2.13 -1.69 -24.61
C HIS B 62 0.67 -1.81 -25.07
N LEU B 63 -0.27 -1.63 -24.14
CA LEU B 63 -1.69 -1.73 -24.47
C LEU B 63 -2.17 -0.51 -25.25
N ARG B 64 -1.71 0.67 -24.88
CA ARG B 64 -2.10 1.90 -25.56
C ARG B 64 -1.52 2.00 -26.98
N GLN B 65 -0.50 1.20 -27.25
CA GLN B 65 0.13 1.20 -28.57
C GLN B 65 -0.81 0.61 -29.62
N LYS B 66 -1.87 -0.03 -29.14
CA LYS B 66 -2.86 -0.64 -30.02
C LYS B 66 -3.90 0.38 -30.45
N PRO C 1 13.77 -5.90 -2.00
CA PRO C 1 12.55 -5.51 -2.73
C PRO C 1 11.32 -5.91 -1.91
N PHE C 2 10.16 -5.33 -2.24
CA PHE C 2 8.92 -5.63 -1.54
C PHE C 2 7.81 -5.96 -2.54
N ILE C 3 7.15 -7.10 -2.33
CA ILE C 3 6.06 -7.52 -3.20
C ILE C 3 4.77 -7.75 -2.39
N ASN C 4 3.67 -7.10 -2.79
CA ASN C 4 2.38 -7.23 -2.10
C ASN C 4 1.41 -7.90 -3.08
N ILE C 5 0.85 -9.03 -2.67
CA ILE C 5 -0.10 -9.74 -3.51
C ILE C 5 -1.46 -9.77 -2.79
N LYS C 6 -2.46 -9.18 -3.43
CA LYS C 6 -3.81 -9.16 -2.87
C LYS C 6 -4.71 -9.98 -3.79
N LEU C 7 -5.43 -10.94 -3.21
CA LEU C 7 -6.32 -11.83 -3.97
C LEU C 7 -7.53 -12.21 -3.14
N VAL C 8 -8.56 -12.74 -3.80
CA VAL C 8 -9.77 -13.19 -3.12
C VAL C 8 -9.74 -14.72 -3.07
N PRO C 9 -9.87 -15.30 -1.87
CA PRO C 9 -9.86 -16.76 -1.72
C PRO C 9 -11.01 -17.40 -2.48
N GLU C 10 -10.84 -18.66 -2.87
CA GLU C 10 -11.88 -19.39 -3.59
C GLU C 10 -11.54 -20.87 -3.74
N ASN C 11 -12.56 -21.72 -3.64
CA ASN C 11 -12.37 -23.17 -3.77
C ASN C 11 -11.36 -23.69 -2.75
N GLY C 12 -11.32 -23.06 -1.58
CA GLY C 12 -10.38 -23.49 -0.56
C GLY C 12 -8.97 -23.02 -0.86
N GLY C 13 -8.82 -22.19 -1.89
CA GLY C 13 -7.51 -21.68 -2.26
C GLY C 13 -7.34 -20.22 -1.88
N PRO C 14 -6.10 -19.79 -1.57
CA PRO C 14 -4.88 -20.60 -1.59
C PRO C 14 -4.57 -21.25 -0.25
N THR C 15 -4.08 -22.49 -0.30
CA THR C 15 -3.70 -23.20 0.92
C THR C 15 -2.38 -22.60 1.36
N ASN C 16 -1.88 -23.05 2.51
CA ASN C 16 -0.60 -22.55 3.02
C ASN C 16 0.55 -22.98 2.13
N GLU C 17 0.37 -24.07 1.39
CA GLU C 17 1.41 -24.55 0.50
C GLU C 17 1.45 -23.67 -0.75
N GLN C 18 0.28 -23.25 -1.22
CA GLN C 18 0.20 -22.40 -2.41
C GLN C 18 0.71 -21.00 -2.10
N LYS C 19 0.51 -20.55 -0.86
CA LYS C 19 1.01 -19.24 -0.45
C LYS C 19 2.53 -19.31 -0.52
N GLN C 20 3.08 -20.43 -0.10
CA GLN C 20 4.53 -20.61 -0.13
C GLN C 20 4.99 -20.60 -1.59
N GLN C 21 4.21 -21.22 -2.47
CA GLN C 21 4.56 -21.26 -3.89
C GLN C 21 4.64 -19.84 -4.46
N LEU C 22 3.70 -18.99 -4.06
CA LEU C 22 3.68 -17.62 -4.52
C LEU C 22 4.93 -16.88 -4.01
N ILE C 23 5.25 -17.09 -2.74
CA ILE C 23 6.41 -16.46 -2.13
C ILE C 23 7.70 -16.88 -2.86
N GLU C 24 7.79 -18.16 -3.20
CA GLU C 24 8.96 -18.67 -3.91
C GLU C 24 8.94 -18.21 -5.36
N GLY C 25 7.75 -18.27 -5.98
CA GLY C 25 7.63 -17.86 -7.37
C GLY C 25 8.02 -16.41 -7.59
N VAL C 26 7.49 -15.52 -6.76
CA VAL C 26 7.78 -14.10 -6.88
C VAL C 26 9.24 -13.80 -6.53
N SER C 27 9.73 -14.41 -5.47
CA SER C 27 11.10 -14.23 -5.02
C SER C 27 12.11 -14.68 -6.08
N ASP C 28 11.81 -15.79 -6.75
CA ASP C 28 12.70 -16.30 -7.79
C ASP C 28 12.60 -15.46 -9.06
N LEU C 29 11.49 -14.74 -9.21
CA LEU C 29 11.28 -13.91 -10.38
C LEU C 29 12.16 -12.68 -10.31
N MET C 30 12.24 -12.07 -9.13
CA MET C 30 13.06 -10.87 -8.94
C MET C 30 14.53 -11.18 -9.14
N VAL C 31 14.97 -12.33 -8.64
CA VAL C 31 16.36 -12.73 -8.77
C VAL C 31 16.72 -13.09 -10.21
N LYS C 32 15.73 -13.50 -10.98
CA LYS C 32 15.92 -13.90 -12.36
C LYS C 32 15.80 -12.75 -13.35
N VAL C 33 15.00 -11.75 -13.01
CA VAL C 33 14.80 -10.61 -13.90
C VAL C 33 15.65 -9.41 -13.50
N LEU C 34 16.00 -9.31 -12.22
CA LEU C 34 16.79 -8.20 -11.73
C LEU C 34 18.00 -8.60 -10.89
N ASN C 35 18.14 -9.90 -10.63
CA ASN C 35 19.25 -10.40 -9.84
C ASN C 35 19.34 -9.71 -8.49
N LYS C 36 18.19 -9.33 -7.95
CA LYS C 36 18.14 -8.66 -6.65
C LYS C 36 18.54 -9.63 -5.55
N ASN C 37 18.85 -9.09 -4.37
CA ASN C 37 19.24 -9.92 -3.24
C ASN C 37 18.05 -10.74 -2.76
N LYS C 38 18.10 -12.04 -3.05
CA LYS C 38 17.03 -12.97 -2.67
C LYS C 38 16.68 -12.86 -1.18
N ALA C 39 17.70 -12.71 -0.35
CA ALA C 39 17.51 -12.63 1.08
C ALA C 39 16.83 -11.34 1.55
N SER C 40 16.75 -10.33 0.68
CA SER C 40 16.15 -9.06 1.06
C SER C 40 14.74 -8.91 0.49
N ILE C 41 14.24 -9.97 -0.14
CA ILE C 41 12.92 -9.93 -0.73
C ILE C 41 11.84 -10.18 0.32
N VAL C 42 10.91 -9.24 0.42
CA VAL C 42 9.80 -9.34 1.36
C VAL C 42 8.53 -9.48 0.52
N VAL C 43 7.71 -10.47 0.87
CA VAL C 43 6.47 -10.72 0.16
C VAL C 43 5.33 -10.79 1.18
N ILE C 44 4.23 -10.12 0.89
CA ILE C 44 3.08 -10.15 1.79
C ILE C 44 1.83 -10.46 0.95
N ILE C 45 1.14 -11.53 1.31
CA ILE C 45 -0.06 -11.93 0.59
C ILE C 45 -1.28 -11.57 1.43
N ASP C 46 -2.21 -10.83 0.83
CA ASP C 46 -3.42 -10.44 1.55
C ASP C 46 -4.63 -11.13 0.92
N GLU C 47 -5.45 -11.75 1.76
CA GLU C 47 -6.65 -12.41 1.26
C GLU C 47 -7.82 -11.48 1.52
N VAL C 48 -8.50 -11.10 0.43
CA VAL C 48 -9.63 -10.18 0.47
C VAL C 48 -10.96 -10.90 0.35
N ASP C 49 -11.91 -10.54 1.21
CA ASP C 49 -13.24 -11.13 1.18
C ASP C 49 -13.88 -10.79 -0.16
N SER C 50 -14.63 -11.74 -0.72
CA SER C 50 -15.28 -11.54 -2.01
C SER C 50 -16.15 -10.29 -2.07
N ASN C 51 -16.69 -9.89 -0.92
CA ASN C 51 -17.55 -8.71 -0.87
C ASN C 51 -16.76 -7.40 -0.78
N ASN C 52 -15.46 -7.53 -0.56
CA ASN C 52 -14.57 -6.38 -0.40
C ASN C 52 -13.68 -6.09 -1.60
N TYR C 53 -13.78 -6.94 -2.62
CA TYR C 53 -12.97 -6.79 -3.82
C TYR C 53 -13.90 -6.42 -4.97
N GLY C 54 -13.56 -5.35 -5.70
CA GLY C 54 -14.38 -4.94 -6.81
C GLY C 54 -13.64 -4.93 -8.12
N LEU C 55 -14.37 -5.22 -9.20
CA LEU C 55 -13.80 -5.24 -10.53
C LEU C 55 -14.90 -4.81 -11.50
N GLY C 56 -14.66 -3.73 -12.22
CA GLY C 56 -15.65 -3.25 -13.18
C GLY C 56 -16.87 -2.64 -12.49
N GLY C 57 -16.72 -2.27 -11.22
CA GLY C 57 -17.83 -1.66 -10.50
C GLY C 57 -18.67 -2.65 -9.72
N GLU C 58 -18.32 -3.93 -9.81
CA GLU C 58 -19.05 -4.99 -9.10
C GLU C 58 -18.13 -5.79 -8.18
N SER C 59 -18.68 -6.26 -7.06
CA SER C 59 -17.89 -7.04 -6.11
C SER C 59 -17.65 -8.44 -6.68
N VAL C 60 -16.54 -9.05 -6.28
CA VAL C 60 -16.23 -10.39 -6.76
C VAL C 60 -17.34 -11.34 -6.34
N HIS C 61 -17.97 -11.06 -5.19
CA HIS C 61 -19.05 -11.88 -4.70
C HIS C 61 -20.19 -11.88 -5.72
N HIS C 62 -20.51 -10.69 -6.23
CA HIS C 62 -21.57 -10.56 -7.22
C HIS C 62 -21.21 -11.32 -8.48
N LEU C 63 -19.97 -11.14 -8.96
CA LEU C 63 -19.50 -11.81 -10.17
C LEU C 63 -19.49 -13.33 -10.04
N PRO D 1 -6.83 -10.19 -9.04
CA PRO D 1 -5.65 -10.06 -8.16
C PRO D 1 -4.89 -8.77 -8.42
N PHE D 2 -4.21 -8.28 -7.39
CA PHE D 2 -3.42 -7.05 -7.47
C PHE D 2 -2.03 -7.34 -6.92
N ILE D 3 -1.00 -6.93 -7.65
CA ILE D 3 0.37 -7.13 -7.19
C ILE D 3 1.13 -5.81 -7.30
N ASN D 4 1.73 -5.41 -6.18
CA ASN D 4 2.50 -4.16 -6.10
C ASN D 4 3.95 -4.57 -5.88
N ILE D 5 4.86 -4.08 -6.71
CA ILE D 5 6.26 -4.43 -6.54
C ILE D 5 7.05 -3.15 -6.32
N LYS D 6 7.76 -3.07 -5.20
CA LYS D 6 8.55 -1.90 -4.89
C LYS D 6 10.02 -2.29 -4.81
N LEU D 7 10.83 -1.62 -5.63
CA LEU D 7 12.27 -1.90 -5.71
C LEU D 7 13.09 -0.62 -5.85
N VAL D 8 14.40 -0.76 -5.70
CA VAL D 8 15.31 0.37 -5.83
C VAL D 8 16.05 0.22 -7.15
N PRO D 9 15.92 1.20 -8.06
CA PRO D 9 16.60 1.11 -9.36
C PRO D 9 18.08 0.82 -9.18
N GLU D 10 18.69 0.11 -10.13
CA GLU D 10 20.10 -0.21 -10.04
C GLU D 10 20.72 -0.54 -11.39
N ASN D 11 21.91 0.01 -11.62
CA ASN D 11 22.65 -0.21 -12.87
C ASN D 11 21.80 -0.03 -14.11
N GLY D 12 20.94 0.97 -14.09
CA GLY D 12 20.09 1.25 -15.23
C GLY D 12 18.83 0.39 -15.29
N GLY D 13 18.68 -0.51 -14.32
CA GLY D 13 17.52 -1.38 -14.31
C GLY D 13 16.54 -1.04 -13.18
N PRO D 14 15.26 -1.43 -13.31
CA PRO D 14 14.71 -2.19 -14.43
C PRO D 14 14.37 -1.32 -15.65
N THR D 15 14.61 -1.87 -16.84
CA THR D 15 14.31 -1.16 -18.08
C THR D 15 12.85 -1.42 -18.41
N ASN D 16 12.29 -0.65 -19.34
CA ASN D 16 10.90 -0.87 -19.70
C ASN D 16 10.66 -2.32 -20.12
N GLU D 17 11.69 -2.97 -20.64
CA GLU D 17 11.57 -4.37 -21.06
C GLU D 17 11.54 -5.30 -19.86
N GLN D 18 12.37 -5.01 -18.86
CA GLN D 18 12.42 -5.82 -17.66
C GLN D 18 11.13 -5.65 -16.84
N LYS D 19 10.53 -4.47 -16.92
CA LYS D 19 9.28 -4.21 -16.21
C LYS D 19 8.20 -5.09 -16.85
N GLN D 20 8.27 -5.25 -18.17
CA GLN D 20 7.30 -6.07 -18.87
C GLN D 20 7.46 -7.52 -18.47
N GLN D 21 8.70 -7.94 -18.23
CA GLN D 21 8.99 -9.29 -17.81
C GLN D 21 8.45 -9.54 -16.40
N LEU D 22 8.44 -8.48 -15.59
CA LEU D 22 7.94 -8.62 -14.22
C LEU D 22 6.43 -8.74 -14.29
N ILE D 23 5.81 -7.88 -15.10
CA ILE D 23 4.37 -7.88 -15.27
C ILE D 23 3.91 -9.21 -15.88
N GLU D 24 4.68 -9.73 -16.82
CA GLU D 24 4.34 -11.00 -17.46
C GLU D 24 4.54 -12.14 -16.48
N GLY D 25 5.70 -12.17 -15.84
CA GLY D 25 6.02 -13.23 -14.89
C GLY D 25 5.04 -13.29 -13.74
N VAL D 26 4.73 -12.12 -13.17
CA VAL D 26 3.80 -12.05 -12.05
C VAL D 26 2.44 -12.58 -12.45
N SER D 27 1.94 -12.12 -13.59
CA SER D 27 0.64 -12.54 -14.09
C SER D 27 0.60 -14.03 -14.41
N ASP D 28 1.71 -14.58 -14.89
CA ASP D 28 1.75 -16.01 -15.21
C ASP D 28 1.80 -16.85 -13.94
N LEU D 29 2.40 -16.32 -12.88
CA LEU D 29 2.49 -17.04 -11.62
C LEU D 29 1.10 -17.18 -10.98
N MET D 30 0.30 -16.12 -11.05
CA MET D 30 -1.04 -16.14 -10.49
C MET D 30 -1.94 -17.17 -11.20
N VAL D 31 -1.72 -17.34 -12.51
CA VAL D 31 -2.51 -18.29 -13.29
C VAL D 31 -2.04 -19.72 -13.04
N LYS D 32 -0.73 -19.90 -12.90
CA LYS D 32 -0.14 -21.22 -12.67
C LYS D 32 -0.38 -21.78 -11.27
N VAL D 33 -0.60 -20.89 -10.30
CA VAL D 33 -0.81 -21.33 -8.92
C VAL D 33 -2.28 -21.45 -8.53
N LEU D 34 -3.06 -20.44 -8.89
CA LEU D 34 -4.48 -20.43 -8.54
C LEU D 34 -5.46 -20.30 -9.71
N ASN D 35 -4.94 -20.32 -10.93
CA ASN D 35 -5.77 -20.18 -12.12
C ASN D 35 -6.72 -19.00 -12.01
N LYS D 36 -6.17 -17.84 -11.67
CA LYS D 36 -6.98 -16.62 -11.54
C LYS D 36 -7.23 -16.05 -12.94
N ASN D 37 -8.21 -15.16 -13.06
CA ASN D 37 -8.51 -14.54 -14.35
C ASN D 37 -7.32 -13.64 -14.71
N LYS D 38 -6.53 -14.09 -15.69
CA LYS D 38 -5.34 -13.35 -16.12
C LYS D 38 -5.66 -11.92 -16.55
N ALA D 39 -6.78 -11.73 -17.23
CA ALA D 39 -7.17 -10.41 -17.71
C ALA D 39 -7.46 -9.42 -16.58
N SER D 40 -7.81 -9.93 -15.40
CA SER D 40 -8.11 -9.07 -14.26
C SER D 40 -6.89 -8.79 -13.40
N ILE D 41 -5.73 -9.27 -13.81
CA ILE D 41 -4.52 -9.07 -13.03
C ILE D 41 -3.93 -7.67 -13.16
N VAL D 42 -3.85 -6.97 -12.04
CA VAL D 42 -3.28 -5.63 -12.04
C VAL D 42 -1.92 -5.67 -11.37
N VAL D 43 -0.93 -5.06 -12.02
CA VAL D 43 0.42 -5.03 -11.50
C VAL D 43 0.98 -3.60 -11.52
N ILE D 44 1.53 -3.18 -10.40
CA ILE D 44 2.11 -1.85 -10.32
C ILE D 44 3.53 -1.92 -9.78
N ILE D 45 4.47 -1.34 -10.52
CA ILE D 45 5.87 -1.35 -10.13
C ILE D 45 6.29 0.04 -9.66
N ASP D 46 6.71 0.14 -8.41
CA ASP D 46 7.15 1.41 -7.85
C ASP D 46 8.67 1.41 -7.65
N GLU D 47 9.33 2.42 -8.20
CA GLU D 47 10.77 2.53 -8.06
C GLU D 47 11.03 3.52 -6.94
N VAL D 48 11.76 3.05 -5.93
CA VAL D 48 12.07 3.84 -4.75
C VAL D 48 13.52 4.32 -4.77
N ASP D 49 13.72 5.60 -4.48
CA ASP D 49 15.05 6.20 -4.42
C ASP D 49 15.86 5.41 -3.38
N SER D 50 17.15 5.19 -3.64
CA SER D 50 17.97 4.43 -2.71
C SER D 50 18.05 5.11 -1.34
N ASN D 51 17.80 6.42 -1.29
CA ASN D 51 17.84 7.15 0.00
C ASN D 51 16.49 7.06 0.73
N ASN D 52 15.49 6.48 0.08
CA ASN D 52 14.14 6.36 0.65
C ASN D 52 13.75 4.93 1.05
N TYR D 53 14.68 4.00 0.93
CA TYR D 53 14.42 2.61 1.24
C TYR D 53 15.40 2.14 2.30
N GLY D 54 14.87 1.63 3.42
CA GLY D 54 15.73 1.16 4.48
C GLY D 54 15.63 -0.34 4.68
N LEU D 55 16.72 -0.93 5.14
CA LEU D 55 16.79 -2.35 5.42
C LEU D 55 17.78 -2.55 6.56
N GLY D 56 17.31 -3.07 7.67
CA GLY D 56 18.18 -3.29 8.81
C GLY D 56 18.53 -1.99 9.52
N GLY D 57 17.75 -0.94 9.24
CA GLY D 57 18.00 0.34 9.88
C GLY D 57 18.91 1.28 9.09
N GLU D 58 19.38 0.82 7.94
CA GLU D 58 20.24 1.63 7.09
C GLU D 58 19.62 1.79 5.71
N SER D 59 19.93 2.89 5.03
CA SER D 59 19.40 3.13 3.69
C SER D 59 20.11 2.26 2.67
N VAL D 60 19.43 2.01 1.56
CA VAL D 60 20.01 1.19 0.50
C VAL D 60 21.19 1.93 -0.16
N HIS D 61 21.12 3.26 -0.16
CA HIS D 61 22.18 4.06 -0.76
C HIS D 61 23.52 3.79 -0.09
N HIS D 62 23.47 3.49 1.20
CA HIS D 62 24.68 3.20 1.97
C HIS D 62 25.11 1.75 1.84
N LEU D 63 24.16 0.84 2.01
CA LEU D 63 24.44 -0.58 1.93
C LEU D 63 25.13 -0.97 0.63
N ARG D 64 24.80 -0.27 -0.46
CA ARG D 64 25.40 -0.55 -1.76
C ARG D 64 26.86 -0.13 -1.82
N GLN D 65 27.32 0.57 -0.78
CA GLN D 65 28.70 1.03 -0.73
C GLN D 65 29.59 -0.03 -0.08
N LYS D 66 28.97 -0.97 0.62
CA LYS D 66 29.70 -2.05 1.29
C LYS D 66 30.13 -3.14 0.32
N PRO E 1 0.57 13.07 7.32
CA PRO E 1 1.37 11.89 6.90
C PRO E 1 0.62 10.58 7.17
N PHE E 2 1.01 9.51 6.46
CA PHE E 2 0.38 8.20 6.62
C PHE E 2 1.47 7.17 6.85
N ILE E 3 1.32 6.36 7.88
CA ILE E 3 2.29 5.31 8.16
C ILE E 3 1.59 3.97 8.26
N ASN E 4 2.08 3.00 7.49
CA ASN E 4 1.51 1.65 7.44
C ASN E 4 2.55 0.69 8.00
N ILE E 5 2.18 -0.05 9.03
CA ILE E 5 3.09 -1.01 9.63
C ILE E 5 2.53 -2.40 9.42
N LYS E 6 3.29 -3.27 8.75
CA LYS E 6 2.84 -4.63 8.52
C LYS E 6 3.78 -5.57 9.26
N LEU E 7 3.21 -6.40 10.12
CA LEU E 7 4.01 -7.34 10.90
C LEU E 7 3.29 -8.66 11.10
N VAL E 8 4.02 -9.64 11.63
CA VAL E 8 3.47 -10.96 11.90
C VAL E 8 3.30 -11.14 13.41
N PRO E 9 2.09 -11.48 13.86
CA PRO E 9 1.85 -11.67 15.30
C PRO E 9 2.71 -12.80 15.83
N GLU E 10 3.00 -12.78 17.13
CA GLU E 10 3.76 -13.84 17.76
C GLU E 10 3.75 -13.77 19.27
N ASN E 11 3.51 -14.91 19.90
CA ASN E 11 3.45 -15.01 21.36
C ASN E 11 2.39 -14.09 21.94
N GLY E 12 1.31 -13.88 21.19
CA GLY E 12 0.23 -13.02 21.66
C GLY E 12 0.44 -11.54 21.40
N GLY E 13 1.58 -11.20 20.81
CA GLY E 13 1.85 -9.80 20.51
C GLY E 13 1.70 -9.48 19.03
N PRO E 14 1.43 -8.21 18.68
CA PRO E 14 1.30 -7.08 19.61
C PRO E 14 -0.06 -6.97 20.28
N THR E 15 -0.07 -6.54 21.54
CA THR E 15 -1.29 -6.37 22.30
C THR E 15 -1.86 -5.00 21.94
N ASN E 16 -3.10 -4.75 22.34
CA ASN E 16 -3.70 -3.45 22.06
C ASN E 16 -2.84 -2.34 22.64
N GLU E 17 -2.17 -2.62 23.76
CA GLU E 17 -1.31 -1.63 24.38
C GLU E 17 -0.04 -1.41 23.56
N GLN E 18 0.49 -2.48 22.98
CA GLN E 18 1.69 -2.40 22.17
C GLN E 18 1.38 -1.72 20.83
N LYS E 19 0.14 -1.85 20.39
CA LYS E 19 -0.29 -1.23 19.15
C LYS E 19 -0.33 0.27 19.42
N GLN E 20 -0.86 0.63 20.58
CA GLN E 20 -0.94 2.04 20.98
C GLN E 20 0.46 2.63 21.02
N GLN E 21 1.41 1.85 21.55
CA GLN E 21 2.79 2.28 21.63
C GLN E 21 3.38 2.54 20.25
N LEU E 22 3.01 1.71 19.28
CA LEU E 22 3.52 1.90 17.92
C LEU E 22 2.90 3.17 17.35
N ILE E 23 1.61 3.36 17.58
CA ILE E 23 0.93 4.55 17.07
C ILE E 23 1.55 5.83 17.64
N GLU E 24 1.74 5.88 18.95
CA GLU E 24 2.34 7.06 19.57
C GLU E 24 3.81 7.19 19.17
N GLY E 25 4.49 6.05 19.08
CA GLY E 25 5.90 6.06 18.70
C GLY E 25 6.13 6.67 17.32
N VAL E 26 5.48 6.08 16.32
CA VAL E 26 5.61 6.57 14.95
C VAL E 26 5.15 8.02 14.85
N SER E 27 4.04 8.34 15.50
CA SER E 27 3.51 9.69 15.45
C SER E 27 4.51 10.70 16.04
N ASP E 28 5.04 10.41 17.22
CA ASP E 28 6.02 11.31 17.85
C ASP E 28 7.26 11.45 16.97
N LEU E 29 7.66 10.35 16.32
CA LEU E 29 8.84 10.37 15.45
C LEU E 29 8.68 11.41 14.34
N MET E 30 7.48 11.47 13.75
CA MET E 30 7.21 12.41 12.67
C MET E 30 7.33 13.86 13.16
N VAL E 31 6.83 14.11 14.36
CA VAL E 31 6.87 15.45 14.94
C VAL E 31 8.31 15.88 15.22
N LYS E 32 9.08 14.96 15.81
CA LYS E 32 10.47 15.25 16.15
C LYS E 32 11.38 15.46 14.95
N VAL E 33 11.18 14.67 13.89
CA VAL E 33 12.03 14.78 12.71
C VAL E 33 11.64 15.88 11.73
N LEU E 34 10.37 15.95 11.35
CA LEU E 34 9.94 16.95 10.39
C LEU E 34 8.94 17.96 10.95
N ASN E 35 8.76 17.95 12.26
CA ASN E 35 7.82 18.85 12.93
C ASN E 35 6.45 18.82 12.25
N LYS E 36 6.04 17.64 11.80
CA LYS E 36 4.75 17.46 11.13
C LYS E 36 3.61 17.65 12.12
N ASN E 37 2.41 17.90 11.60
CA ASN E 37 1.24 18.09 12.46
C ASN E 37 0.73 16.75 12.98
N LYS E 38 0.79 16.57 14.30
CA LYS E 38 0.36 15.34 14.94
C LYS E 38 -1.05 14.92 14.56
N ALA E 39 -1.99 15.85 14.71
CA ALA E 39 -3.40 15.60 14.40
C ALA E 39 -3.64 15.01 13.02
N SER E 40 -2.75 15.27 12.07
CA SER E 40 -2.94 14.73 10.72
C SER E 40 -2.25 13.40 10.50
N ILE E 41 -1.58 12.88 11.53
CA ILE E 41 -0.88 11.61 11.38
C ILE E 41 -1.80 10.40 11.46
N VAL E 42 -1.85 9.61 10.39
CA VAL E 42 -2.67 8.42 10.34
C VAL E 42 -1.73 7.21 10.40
N VAL E 43 -2.07 6.24 11.25
CA VAL E 43 -1.26 5.04 11.38
C VAL E 43 -2.13 3.79 11.25
N ILE E 44 -1.72 2.86 10.39
CA ILE E 44 -2.46 1.62 10.25
C ILE E 44 -1.53 0.44 10.45
N ILE E 45 -1.91 -0.43 11.37
CA ILE E 45 -1.13 -1.61 11.67
C ILE E 45 -1.81 -2.84 11.09
N ASP E 46 -1.14 -3.52 10.17
CA ASP E 46 -1.69 -4.74 9.59
C ASP E 46 -1.00 -5.91 10.22
N GLU E 47 -1.78 -6.91 10.61
CA GLU E 47 -1.24 -8.11 11.21
C GLU E 47 -1.33 -9.20 10.15
N VAL E 48 -0.17 -9.61 9.66
CA VAL E 48 -0.06 -10.62 8.62
C VAL E 48 0.21 -12.03 9.11
N ASP E 49 -0.61 -12.99 8.66
CA ASP E 49 -0.44 -14.37 9.06
C ASP E 49 0.97 -14.86 8.67
N SER E 50 1.59 -15.62 9.56
CA SER E 50 2.95 -16.13 9.33
C SER E 50 3.09 -16.93 8.02
N ASN E 51 1.97 -17.48 7.53
CA ASN E 51 1.97 -18.24 6.28
C ASN E 51 1.81 -17.30 5.09
N ASN E 52 1.53 -16.03 5.40
CA ASN E 52 1.30 -15.03 4.35
C ASN E 52 2.42 -14.01 4.22
N TYR E 53 3.45 -14.14 5.06
CA TYR E 53 4.58 -13.23 5.04
C TYR E 53 5.83 -14.00 4.62
N GLY E 54 6.56 -13.46 3.65
CA GLY E 54 7.76 -14.13 3.17
C GLY E 54 8.98 -13.25 3.20
N LEU E 55 10.10 -13.85 3.59
CA LEU E 55 11.38 -13.12 3.65
C LEU E 55 12.47 -14.06 3.09
N GLY E 56 13.17 -13.61 2.06
CA GLY E 56 14.20 -14.42 1.46
C GLY E 56 13.65 -15.63 0.74
N GLY E 57 12.36 -15.60 0.42
CA GLY E 57 11.74 -16.71 -0.28
C GLY E 57 11.23 -17.81 0.63
N GLU E 58 11.20 -17.54 1.94
CA GLU E 58 10.73 -18.50 2.92
C GLU E 58 9.62 -17.86 3.76
N SER E 59 8.52 -18.57 3.96
CA SER E 59 7.42 -18.04 4.76
C SER E 59 7.87 -17.88 6.20
N VAL E 60 7.32 -16.89 6.90
CA VAL E 60 7.69 -16.65 8.29
C VAL E 60 7.36 -17.88 9.14
N HIS E 61 6.32 -18.61 8.75
CA HIS E 61 5.91 -19.82 9.47
C HIS E 61 6.95 -20.93 9.35
N HIS E 62 7.57 -21.05 8.19
CA HIS E 62 8.59 -22.07 7.97
C HIS E 62 9.93 -21.59 8.50
N LEU E 63 10.12 -20.27 8.51
CA LEU E 63 11.37 -19.70 9.00
C LEU E 63 11.40 -19.67 10.53
N ARG E 64 10.47 -20.39 11.15
CA ARG E 64 10.40 -20.44 12.61
C ARG E 64 10.17 -21.86 13.11
N GLN E 65 10.68 -22.84 12.35
CA GLN E 65 10.53 -24.25 12.71
C GLN E 65 9.07 -24.64 12.78
N PRO F 1 9.43 -7.05 9.70
CA PRO F 1 8.26 -6.21 9.35
C PRO F 1 8.52 -5.26 8.17
N PHE F 2 7.48 -4.53 7.81
CA PHE F 2 7.52 -3.58 6.70
C PHE F 2 6.81 -2.30 7.13
N ILE F 3 7.48 -1.17 6.94
CA ILE F 3 6.89 0.13 7.29
C ILE F 3 6.93 1.07 6.10
N ASN F 4 5.76 1.52 5.69
CA ASN F 4 5.65 2.42 4.55
C ASN F 4 5.26 3.77 5.13
N ILE F 5 6.02 4.80 4.82
CA ILE F 5 5.72 6.12 5.32
C ILE F 5 5.44 7.01 4.13
N LYS F 6 4.28 7.64 4.11
CA LYS F 6 3.93 8.53 3.02
C LYS F 6 3.80 9.93 3.58
N LEU F 7 4.56 10.86 3.02
CA LEU F 7 4.53 12.24 3.49
C LEU F 7 4.67 13.23 2.34
N VAL F 8 4.34 14.49 2.59
CA VAL F 8 4.44 15.52 1.57
C VAL F 8 5.65 16.40 1.86
N PRO F 9 6.57 16.55 0.87
CA PRO F 9 7.76 17.39 1.07
C PRO F 9 7.39 18.81 1.45
N GLU F 10 8.30 19.51 2.11
CA GLU F 10 8.05 20.89 2.51
C GLU F 10 9.31 21.54 3.05
N ASN F 11 9.55 22.77 2.62
CA ASN F 11 10.72 23.55 3.04
C ASN F 11 12.05 22.82 2.92
N GLY F 12 12.42 22.49 1.69
CA GLY F 12 13.69 21.81 1.46
C GLY F 12 13.81 20.43 2.08
N GLY F 13 12.75 19.96 2.72
CA GLY F 13 12.79 18.65 3.33
C GLY F 13 11.80 17.66 2.73
N PRO F 14 11.89 16.38 3.08
CA PRO F 14 12.87 15.82 4.01
C PRO F 14 14.20 15.52 3.31
N THR F 15 15.30 15.79 4.00
CA THR F 15 16.63 15.55 3.45
C THR F 15 16.98 14.07 3.55
N ASN F 16 18.11 13.67 2.97
CA ASN F 16 18.51 12.28 3.04
C ASN F 16 18.80 11.94 4.50
N GLU F 17 19.33 12.93 5.21
CA GLU F 17 19.65 12.76 6.62
C GLU F 17 18.38 12.51 7.41
N GLN F 18 17.34 13.29 7.12
CA GLN F 18 16.08 13.13 7.83
C GLN F 18 15.39 11.83 7.44
N LYS F 19 15.54 11.42 6.18
CA LYS F 19 14.94 10.17 5.74
C LYS F 19 15.65 9.05 6.49
N GLN F 20 16.96 9.21 6.65
CA GLN F 20 17.75 8.20 7.35
C GLN F 20 17.28 8.15 8.81
N GLN F 21 16.96 9.30 9.40
CA GLN F 21 16.49 9.36 10.78
C GLN F 21 15.13 8.64 10.92
N LEU F 22 14.31 8.69 9.86
CA LEU F 22 13.01 8.03 9.89
C LEU F 22 13.20 6.51 9.82
N ILE F 23 14.13 6.09 8.96
CA ILE F 23 14.43 4.67 8.79
C ILE F 23 14.93 4.09 10.11
N GLU F 24 15.86 4.79 10.76
CA GLU F 24 16.39 4.31 12.03
C GLU F 24 15.35 4.43 13.14
N GLY F 25 14.61 5.54 13.14
CA GLY F 25 13.59 5.74 14.16
C GLY F 25 12.54 4.64 14.16
N VAL F 26 11.98 4.35 13.00
CA VAL F 26 10.96 3.32 12.91
C VAL F 26 11.55 1.95 13.25
N SER F 27 12.75 1.68 12.76
CA SER F 27 13.40 0.41 13.02
C SER F 27 13.61 0.22 14.52
N ASP F 28 14.16 1.22 15.20
CA ASP F 28 14.36 1.09 16.64
C ASP F 28 13.03 0.86 17.35
N LEU F 29 12.00 1.58 16.92
CA LEU F 29 10.67 1.44 17.53
C LEU F 29 10.20 -0.03 17.48
N MET F 30 10.39 -0.68 16.35
CA MET F 30 9.97 -2.07 16.20
C MET F 30 10.79 -3.00 17.10
N VAL F 31 12.09 -2.72 17.21
CA VAL F 31 12.96 -3.54 18.05
C VAL F 31 12.62 -3.35 19.52
N LYS F 32 12.33 -2.11 19.90
CA LYS F 32 11.99 -1.77 21.27
C LYS F 32 10.67 -2.34 21.75
N VAL F 33 9.65 -2.28 20.90
CA VAL F 33 8.33 -2.75 21.29
C VAL F 33 8.08 -4.25 21.13
N LEU F 34 8.53 -4.83 20.03
CA LEU F 34 8.29 -6.25 19.79
C LEU F 34 9.57 -7.09 19.66
N ASN F 35 10.72 -6.50 19.93
CA ASN F 35 11.99 -7.21 19.82
C ASN F 35 12.14 -7.83 18.43
N LYS F 36 11.51 -7.20 17.44
CA LYS F 36 11.58 -7.69 16.07
C LYS F 36 13.04 -7.69 15.61
N ASN F 37 13.37 -8.52 14.64
CA ASN F 37 14.73 -8.59 14.12
C ASN F 37 15.04 -7.37 13.26
N LYS F 38 16.05 -6.61 13.65
CA LYS F 38 16.45 -5.41 12.92
C LYS F 38 16.70 -5.68 11.45
N ALA F 39 17.51 -6.69 11.17
CA ALA F 39 17.88 -7.05 9.81
C ALA F 39 16.69 -7.28 8.87
N SER F 40 15.57 -7.76 9.41
CA SER F 40 14.39 -8.04 8.60
C SER F 40 13.49 -6.83 8.39
N ILE F 41 13.80 -5.72 9.03
CA ILE F 41 12.96 -4.52 8.91
C ILE F 41 13.14 -3.75 7.63
N VAL F 42 12.06 -3.65 6.85
CA VAL F 42 12.08 -2.91 5.59
C VAL F 42 11.25 -1.67 5.78
N VAL F 43 11.79 -0.54 5.33
CA VAL F 43 11.11 0.74 5.42
C VAL F 43 11.20 1.43 4.07
N ILE F 44 10.07 1.96 3.63
CA ILE F 44 9.99 2.67 2.37
C ILE F 44 9.27 3.98 2.61
N ILE F 45 9.96 5.07 2.28
CA ILE F 45 9.41 6.40 2.45
C ILE F 45 8.97 6.88 1.07
N ASP F 46 7.72 7.30 0.96
CA ASP F 46 7.21 7.81 -0.30
C ASP F 46 6.98 9.30 -0.13
N GLU F 47 7.39 10.07 -1.13
CA GLU F 47 7.22 11.51 -1.10
C GLU F 47 6.11 11.85 -2.06
N VAL F 48 5.00 12.33 -1.51
CA VAL F 48 3.81 12.68 -2.28
C VAL F 48 3.68 14.16 -2.55
N ASP F 49 3.40 14.50 -3.81
CA ASP F 49 3.24 15.90 -4.20
C ASP F 49 2.07 16.48 -3.41
N SER F 50 2.22 17.74 -2.98
CA SER F 50 1.18 18.40 -2.21
C SER F 50 -0.18 18.45 -2.89
N ASN F 51 -0.20 18.22 -4.20
CA ASN F 51 -1.45 18.22 -4.98
C ASN F 51 -2.06 16.81 -5.09
N ASN F 52 -1.31 15.81 -4.65
CA ASN F 52 -1.72 14.42 -4.73
C ASN F 52 -2.16 13.83 -3.39
N TYR F 53 -2.03 14.63 -2.35
CA TYR F 53 -2.38 14.21 -1.00
C TYR F 53 -3.54 15.04 -0.49
N GLY F 54 -4.57 14.37 0.03
CA GLY F 54 -5.71 15.09 0.55
C GLY F 54 -6.02 14.69 1.99
N LEU F 55 -6.60 15.63 2.73
CA LEU F 55 -7.01 15.41 4.11
C LEU F 55 -8.23 16.29 4.33
N GLY F 56 -9.33 15.70 4.79
CA GLY F 56 -10.54 16.47 5.02
C GLY F 56 -11.20 16.94 3.74
N GLY F 57 -10.85 16.32 2.61
CA GLY F 57 -11.43 16.70 1.34
C GLY F 57 -10.73 17.82 0.61
N GLU F 58 -9.56 18.22 1.09
CA GLU F 58 -8.80 19.30 0.46
C GLU F 58 -7.35 18.86 0.23
N SER F 59 -6.79 19.20 -0.93
CA SER F 59 -5.39 18.82 -1.20
C SER F 59 -4.48 19.56 -0.21
N VAL F 60 -3.32 18.98 0.08
CA VAL F 60 -2.38 19.60 1.01
C VAL F 60 -1.86 20.93 0.47
N HIS F 61 -1.84 21.06 -0.86
CA HIS F 61 -1.38 22.31 -1.47
C HIS F 61 -2.30 23.43 -1.01
N HIS F 62 -3.60 23.13 -1.02
CA HIS F 62 -4.63 24.07 -0.61
C HIS F 62 -4.56 24.36 0.88
N LEU F 63 -4.41 23.31 1.69
CA LEU F 63 -4.32 23.47 3.13
C LEU F 63 -3.14 24.32 3.55
N ARG F 64 -2.03 24.20 2.82
CA ARG F 64 -0.84 24.95 3.16
C ARG F 64 -0.90 26.44 2.83
N GLN F 65 -1.99 26.86 2.20
CA GLN F 65 -2.17 28.26 1.87
C GLN F 65 -2.39 29.01 3.19
N LYS F 66 -3.05 28.35 4.11
CA LYS F 66 -3.34 28.89 5.43
C LYS F 66 -2.24 28.39 6.37
N ASN F 67 -1.67 29.30 7.16
CA ASN F 67 -0.61 28.95 8.09
C ASN F 67 -1.14 27.97 9.14
#